data_6F1E
#
_entry.id   6F1E
#
_cell.length_a   58.238
_cell.length_b   79.721
_cell.length_c   94.600
_cell.angle_alpha   90.00
_cell.angle_beta   90.00
_cell.angle_gamma   90.00
#
_symmetry.space_group_name_H-M   'P 21 21 21'
#
loop_
_entity.id
_entity.type
_entity.pdbx_description
1 polymer 'Interferon gamma'
2 water water
#
_entity_poly.entity_id   1
_entity_poly.type   'polypeptide(L)'
_entity_poly.pdbx_seq_one_letter_code
;SHIPARMNKTIQNLLQHYNISNKDRFNGKPVFPKEPLSGRMETKMLFMGGVLETYEKLIGQMLEQLPNTTPPTAGSREGL
NSAAPEVSVRTDLNYILKKVQELRTNRFKEQSKLLQGLHDLGDIKMNNFIIQSKALWELQWMYEEASSLSNNTKMQRRRR
RRRRQARKVKTPTRA
;
_entity_poly.pdbx_strand_id   A,B
#
# COMPACT_ATOMS: atom_id res chain seq x y z
N HIS A 2 -4.41 14.84 -25.85
CA HIS A 2 -4.73 14.53 -24.41
C HIS A 2 -3.54 13.92 -23.65
N ILE A 3 -2.73 13.13 -24.35
CA ILE A 3 -1.33 12.89 -23.94
C ILE A 3 -0.49 13.49 -25.04
N PRO A 4 0.82 13.72 -24.78
CA PRO A 4 1.67 14.22 -25.88
C PRO A 4 1.76 13.21 -27.03
N ALA A 5 1.83 13.74 -28.26
CA ALA A 5 2.00 12.91 -29.46
C ALA A 5 3.21 12.01 -29.27
N ARG A 6 4.26 12.57 -28.66
CA ARG A 6 5.55 11.91 -28.54
C ARG A 6 5.47 10.71 -27.60
N MET A 7 4.64 10.82 -26.57
CA MET A 7 4.36 9.72 -25.67
C MET A 7 3.73 8.57 -26.43
N ASN A 8 2.66 8.88 -27.20
CA ASN A 8 1.92 7.86 -27.97
C ASN A 8 2.87 7.20 -28.94
N LYS A 9 3.55 8.03 -29.72
CA LYS A 9 4.46 7.53 -30.72
C LYS A 9 5.54 6.72 -30.06
N THR A 10 6.12 7.23 -28.96
CA THR A 10 7.21 6.52 -28.29
C THR A 10 6.76 5.16 -27.75
N ILE A 11 5.51 5.08 -27.29
CA ILE A 11 4.97 3.81 -26.76
C ILE A 11 4.82 2.77 -27.86
N GLN A 12 4.21 3.19 -28.97
CA GLN A 12 4.11 2.32 -30.15
C GLN A 12 5.48 1.77 -30.58
N ASN A 13 6.50 2.62 -30.70
CA ASN A 13 7.85 2.15 -31.08
C ASN A 13 8.31 1.12 -30.08
N LEU A 14 8.06 1.37 -28.80
CA LEU A 14 8.45 0.39 -27.77
C LEU A 14 7.79 -0.98 -27.92
N LEU A 15 6.53 -0.95 -28.33
CA LEU A 15 5.77 -2.19 -28.48
C LEU A 15 6.33 -3.10 -29.58
N GLN A 16 7.04 -2.52 -30.55
CA GLN A 16 7.80 -3.32 -31.50
C GLN A 16 8.82 -4.29 -30.82
N HIS A 17 9.65 -3.80 -29.90
CA HIS A 17 10.61 -4.68 -29.20
C HIS A 17 9.87 -5.55 -28.20
N TYR A 18 8.77 -5.04 -27.63
CA TYR A 18 8.05 -5.71 -26.53
C TYR A 18 6.79 -6.30 -27.11
N ASN A 19 6.98 -7.37 -27.86
CA ASN A 19 6.00 -7.90 -28.81
C ASN A 19 5.44 -9.15 -28.22
N ILE A 20 4.12 -9.26 -28.16
CA ILE A 20 3.51 -10.48 -27.66
C ILE A 20 2.27 -10.80 -28.44
N SER A 21 1.83 -12.05 -28.30
CA SER A 21 0.64 -12.53 -29.00
C SER A 21 -0.53 -11.79 -28.43
N ASN A 22 -1.51 -11.45 -29.27
CA ASN A 22 -2.81 -11.01 -28.79
C ASN A 22 -3.48 -12.00 -27.79
N LYS A 23 -3.16 -13.28 -27.88
CA LYS A 23 -3.75 -14.27 -26.97
C LYS A 23 -3.22 -13.99 -25.58
N ASP A 24 -1.89 -13.99 -25.43
CA ASP A 24 -1.25 -13.74 -24.13
C ASP A 24 -1.54 -12.33 -23.52
N ARG A 25 -1.76 -11.35 -24.38
CA ARG A 25 -2.01 -9.96 -24.02
C ARG A 25 -3.42 -9.85 -23.47
N PHE A 26 -4.40 -10.37 -24.20
CA PHE A 26 -5.78 -10.34 -23.78
C PHE A 26 -6.26 -11.73 -23.27
N ASN A 27 -5.58 -12.20 -22.22
CA ASN A 27 -5.99 -13.38 -21.44
C ASN A 27 -6.90 -13.06 -20.27
N GLY A 28 -7.52 -11.87 -20.24
CA GLY A 28 -8.49 -11.54 -19.18
C GLY A 28 -7.92 -11.09 -17.83
N LYS A 29 -6.60 -10.85 -17.78
CA LYS A 29 -5.87 -10.44 -16.57
C LYS A 29 -5.02 -9.20 -16.87
N PRO A 30 -5.61 -7.98 -16.87
CA PRO A 30 -4.75 -6.82 -17.09
C PRO A 30 -3.78 -6.65 -15.94
N VAL A 31 -2.70 -5.94 -16.18
CA VAL A 31 -1.73 -5.69 -15.11
C VAL A 31 -2.35 -4.79 -14.00
N PHE A 32 -2.97 -3.69 -14.44
CA PHE A 32 -3.53 -2.68 -13.59
C PHE A 32 -5.05 -2.66 -13.74
N PRO A 33 -5.77 -3.02 -12.66
CA PRO A 33 -7.21 -2.81 -12.55
C PRO A 33 -7.67 -1.38 -12.78
N LYS A 34 -8.76 -1.18 -13.52
CA LYS A 34 -9.46 0.10 -13.54
C LYS A 34 -10.54 0.24 -12.47
N GLU A 35 -10.82 -0.85 -11.73
CA GLU A 35 -11.91 -0.88 -10.73
C GLU A 35 -11.72 0.17 -9.60
N PRO A 36 -10.47 0.34 -9.09
CA PRO A 36 -10.28 1.30 -8.03
C PRO A 36 -10.33 2.77 -8.45
N LEU A 37 -10.60 3.06 -9.72
CA LEU A 37 -10.96 4.43 -10.18
C LEU A 37 -12.47 4.67 -10.15
N SER A 38 -13.07 4.36 -9.00
CA SER A 38 -14.38 4.85 -8.63
C SER A 38 -14.24 5.42 -7.22
N GLY A 39 -15.33 5.91 -6.66
CA GLY A 39 -15.29 6.52 -5.33
C GLY A 39 -14.58 7.85 -5.42
N ARG A 40 -14.10 8.33 -4.26
CA ARG A 40 -13.65 9.72 -4.10
C ARG A 40 -12.41 10.12 -4.92
N MET A 41 -12.23 11.42 -5.06
CA MET A 41 -11.03 12.00 -5.67
C MET A 41 -9.77 11.63 -4.88
N GLU A 42 -9.90 11.52 -3.58
CA GLU A 42 -8.77 11.16 -2.75
C GLU A 42 -8.36 9.70 -3.10
N THR A 43 -9.34 8.82 -3.25
CA THR A 43 -9.05 7.41 -3.54
C THR A 43 -8.39 7.25 -4.93
N LYS A 44 -8.92 7.95 -5.93
CA LYS A 44 -8.45 7.87 -7.29
C LYS A 44 -7.03 8.40 -7.35
N MET A 45 -6.79 9.56 -6.74
CA MET A 45 -5.45 10.12 -6.73
C MET A 45 -4.43 9.20 -6.09
N LEU A 46 -4.87 8.48 -5.07
CA LEU A 46 -3.95 7.66 -4.30
C LEU A 46 -3.60 6.40 -5.09
N PHE A 47 -4.64 5.78 -5.64
CA PHE A 47 -4.45 4.58 -6.41
C PHE A 47 -3.57 4.92 -7.63
N MET A 48 -3.93 6.00 -8.34
CA MET A 48 -3.16 6.47 -9.51
C MET A 48 -1.71 6.78 -9.21
N GLY A 49 -1.48 7.41 -8.05
CA GLY A 49 -0.12 7.66 -7.56
C GLY A 49 0.65 6.36 -7.38
N GLY A 50 -0.08 5.33 -6.91
CA GLY A 50 0.47 3.99 -6.77
C GLY A 50 0.83 3.32 -8.08
N VAL A 51 -0.06 3.46 -9.07
CA VAL A 51 0.22 2.96 -10.44
C VAL A 51 1.46 3.64 -11.05
N LEU A 52 1.56 4.96 -10.92
CA LEU A 52 2.71 5.69 -11.46
C LEU A 52 4.01 5.22 -10.79
N GLU A 53 3.97 4.98 -9.47
CA GLU A 53 5.11 4.38 -8.73
C GLU A 53 5.50 3.00 -9.23
N THR A 54 4.49 2.20 -9.56
CA THR A 54 4.70 0.86 -10.08
C THR A 54 5.39 0.90 -11.44
N TYR A 55 4.91 1.80 -12.30
CA TYR A 55 5.51 1.97 -13.64
C TYR A 55 6.96 2.42 -13.58
N GLU A 56 7.26 3.26 -12.63
CA GLU A 56 8.64 3.69 -12.48
C GLU A 56 9.55 2.54 -12.09
N LYS A 57 9.12 1.67 -11.18
CA LYS A 57 9.81 0.39 -10.91
C LYS A 57 9.96 -0.41 -12.18
N LEU A 58 8.84 -0.66 -12.85
CA LEU A 58 8.81 -1.51 -14.02
C LEU A 58 9.87 -1.09 -14.98
N ILE A 59 9.80 0.19 -15.35
CA ILE A 59 10.59 0.72 -16.46
C ILE A 59 12.07 0.65 -16.10
N GLY A 60 12.38 1.00 -14.87
CA GLY A 60 13.64 0.61 -14.23
C GLY A 60 14.12 -0.77 -14.66
N GLN A 61 13.41 -1.82 -14.25
CA GLN A 61 13.78 -3.20 -14.63
C GLN A 61 13.90 -3.41 -16.15
N MET A 62 12.99 -2.84 -16.90
CA MET A 62 13.07 -2.95 -18.33
C MET A 62 14.38 -2.34 -18.83
N LEU A 63 14.88 -1.31 -18.15
CA LEU A 63 16.23 -0.78 -18.46
C LEU A 63 17.37 -1.71 -18.00
N GLU A 64 17.26 -2.32 -16.81
CA GLU A 64 18.27 -3.31 -16.37
C GLU A 64 18.35 -4.50 -17.32
N GLN A 65 17.21 -5.10 -17.66
CA GLN A 65 17.16 -6.27 -18.55
C GLN A 65 17.53 -5.99 -20.01
N LEU A 66 17.88 -4.75 -20.32
CA LEU A 66 18.54 -4.40 -21.58
C LEU A 66 20.05 -4.80 -21.53
N PRO A 67 20.57 -5.41 -22.63
CA PRO A 67 22.04 -5.59 -22.72
C PRO A 67 22.83 -4.31 -23.12
N ASN A 68 24.18 -4.37 -23.03
CA ASN A 68 25.11 -3.35 -23.57
C ASN A 68 24.74 -1.89 -23.21
N SER A 88 17.61 2.63 -29.75
CA SER A 88 16.65 3.67 -29.41
C SER A 88 15.51 3.13 -28.52
N VAL A 89 15.60 1.85 -28.17
CA VAL A 89 14.76 1.27 -27.11
C VAL A 89 15.09 1.99 -25.80
N ARG A 90 16.39 2.02 -25.46
CA ARG A 90 16.88 2.66 -24.22
C ARG A 90 16.49 4.15 -24.05
N THR A 91 16.49 4.90 -25.13
CA THR A 91 16.09 6.30 -25.05
C THR A 91 14.55 6.40 -24.99
N ASP A 92 13.86 5.50 -25.70
CA ASP A 92 12.40 5.46 -25.62
C ASP A 92 12.00 5.08 -24.19
N LEU A 93 12.66 4.09 -23.57
CA LEU A 93 12.37 3.76 -22.17
C LEU A 93 12.70 4.96 -21.27
N ASN A 94 13.91 5.49 -21.39
CA ASN A 94 14.33 6.61 -20.54
C ASN A 94 13.39 7.76 -20.72
N TYR A 95 12.88 8.01 -21.92
CA TYR A 95 11.93 9.12 -22.08
C TYR A 95 10.65 8.83 -21.29
N ILE A 96 10.17 7.60 -21.37
CA ILE A 96 8.88 7.21 -20.75
C ILE A 96 9.06 7.21 -19.20
N LEU A 97 10.21 6.74 -18.73
CA LEU A 97 10.57 6.91 -17.32
C LEU A 97 10.52 8.37 -16.85
N LYS A 98 11.14 9.26 -17.61
CA LYS A 98 11.18 10.70 -17.26
C LYS A 98 9.79 11.29 -17.14
N LYS A 99 8.94 11.08 -18.14
CA LYS A 99 7.62 11.68 -18.09
C LYS A 99 6.80 11.20 -16.88
N VAL A 100 7.00 9.96 -16.45
CA VAL A 100 6.29 9.40 -15.29
C VAL A 100 6.85 9.99 -14.00
N GLN A 101 8.17 9.94 -13.83
CA GLN A 101 8.81 10.61 -12.71
C GLN A 101 8.33 12.06 -12.57
N GLU A 102 8.37 12.80 -13.67
CA GLU A 102 7.95 14.22 -13.64
C GLU A 102 6.49 14.40 -13.22
N LEU A 103 5.61 13.54 -13.70
CA LEU A 103 4.18 13.67 -13.36
C LEU A 103 3.97 13.36 -11.85
N ARG A 104 4.70 12.36 -11.38
CA ARG A 104 4.61 11.96 -9.99
C ARG A 104 5.04 13.08 -9.09
N THR A 105 6.25 13.55 -9.34
CA THR A 105 6.82 14.64 -8.59
C THR A 105 5.94 15.90 -8.62
N ASN A 106 5.48 16.29 -9.78
CA ASN A 106 4.77 17.56 -9.90
C ASN A 106 3.30 17.46 -9.47
N ARG A 107 2.68 16.27 -9.50
CA ARG A 107 1.24 16.21 -9.14
C ARG A 107 0.84 15.21 -8.04
N PHE A 108 1.78 14.37 -7.61
CA PHE A 108 1.51 13.26 -6.71
C PHE A 108 2.47 13.23 -5.51
N LYS A 109 2.68 14.38 -4.87
CA LYS A 109 3.70 14.50 -3.78
C LYS A 109 3.09 13.99 -2.48
N GLU A 110 1.90 14.50 -2.22
CA GLU A 110 1.04 14.18 -1.08
C GLU A 110 0.78 12.66 -1.08
N GLN A 111 0.50 12.13 -2.28
CA GLN A 111 0.12 10.74 -2.43
C GLN A 111 1.33 9.84 -2.27
N SER A 112 2.46 10.21 -2.85
CA SER A 112 3.70 9.46 -2.67
C SER A 112 4.11 9.34 -1.19
N LYS A 113 3.81 10.39 -0.43
CA LYS A 113 4.18 10.49 1.00
C LYS A 113 3.42 9.42 1.78
N LEU A 114 2.10 9.42 1.59
CA LEU A 114 1.19 8.45 2.20
C LEU A 114 1.58 7.06 1.79
N LEU A 115 1.68 6.84 0.48
CA LEU A 115 2.10 5.55 -0.03
C LEU A 115 3.41 5.09 0.61
N GLN A 116 4.38 5.98 0.88
CA GLN A 116 5.63 5.50 1.49
C GLN A 116 5.36 4.99 2.92
N GLY A 117 4.49 5.68 3.65
CA GLY A 117 3.97 5.18 4.91
C GLY A 117 3.36 3.78 4.79
N LEU A 118 2.40 3.63 3.87
CA LEU A 118 1.74 2.34 3.69
C LEU A 118 2.74 1.29 3.27
N HIS A 119 3.73 1.65 2.47
CA HIS A 119 4.68 0.63 2.00
C HIS A 119 5.56 0.23 3.16
N ASP A 120 5.92 1.21 3.97
CA ASP A 120 6.70 0.97 5.17
C ASP A 120 6.03 0.02 6.20
N LEU A 121 4.76 0.25 6.53
CA LEU A 121 3.95 -0.64 7.36
C LEU A 121 3.96 -2.05 6.84
N GLY A 122 3.78 -2.17 5.51
CA GLY A 122 3.86 -3.44 4.79
C GLY A 122 5.15 -4.22 4.97
N ASP A 123 6.23 -3.52 5.30
CA ASP A 123 7.58 -4.08 5.24
C ASP A 123 8.07 -4.42 6.59
N ILE A 124 7.27 -4.15 7.61
CA ILE A 124 7.75 -4.35 8.99
C ILE A 124 8.14 -5.84 9.22
N LYS A 125 9.21 -6.09 9.99
CA LYS A 125 9.64 -7.47 10.27
C LYS A 125 8.80 -8.07 11.37
N MET A 126 7.68 -8.65 10.97
CA MET A 126 6.67 -9.14 11.91
C MET A 126 7.03 -10.40 12.69
N ASN A 127 8.00 -11.15 12.22
CA ASN A 127 8.41 -12.37 12.88
C ASN A 127 9.58 -12.12 13.82
N ASN A 128 9.98 -10.85 13.97
CA ASN A 128 11.10 -10.49 14.87
C ASN A 128 10.53 -10.07 16.22
N PHE A 129 11.17 -10.50 17.32
CA PHE A 129 10.65 -10.30 18.71
C PHE A 129 10.72 -8.84 19.15
N ILE A 130 11.85 -8.19 18.82
CA ILE A 130 12.09 -6.79 19.12
C ILE A 130 10.98 -5.97 18.47
N ILE A 131 10.71 -6.25 17.20
CA ILE A 131 9.67 -5.50 16.48
C ILE A 131 8.32 -5.68 17.16
N GLN A 132 7.99 -6.90 17.53
CA GLN A 132 6.74 -7.18 18.19
C GLN A 132 6.55 -6.37 19.46
N SER A 133 7.61 -6.22 20.26
CA SER A 133 7.49 -5.48 21.54
C SER A 133 7.33 -3.99 21.30
N LYS A 134 8.14 -3.44 20.39
CA LYS A 134 7.99 -2.05 19.99
C LYS A 134 6.55 -1.77 19.48
N ALA A 135 6.06 -2.61 18.59
CA ALA A 135 4.71 -2.46 18.07
C ALA A 135 3.70 -2.59 19.19
N LEU A 136 3.97 -3.50 20.13
CA LEU A 136 3.07 -3.73 21.23
C LEU A 136 3.05 -2.56 22.22
N TRP A 137 4.20 -1.90 22.35
CA TRP A 137 4.32 -0.66 23.14
C TRP A 137 3.38 0.44 22.68
N GLU A 138 2.94 0.40 21.41
CA GLU A 138 2.01 1.41 20.84
C GLU A 138 0.53 0.98 20.66
N LEU A 139 0.20 -0.27 21.00
CA LEU A 139 -1.13 -0.80 20.64
C LEU A 139 -2.30 0.02 21.21
N GLN A 140 -2.21 0.37 22.49
CA GLN A 140 -3.27 1.13 23.17
C GLN A 140 -3.48 2.49 22.49
N TRP A 141 -2.39 3.24 22.39
CA TRP A 141 -2.43 4.52 21.76
C TRP A 141 -3.07 4.33 20.40
N MET A 142 -2.57 3.33 19.65
CA MET A 142 -2.97 3.16 18.23
C MET A 142 -4.40 2.69 18.11
N TYR A 143 -4.82 1.73 18.94
CA TYR A 143 -6.24 1.35 19.00
C TYR A 143 -7.14 2.55 19.34
N GLU A 144 -6.79 3.32 20.38
CA GLU A 144 -7.60 4.45 20.81
C GLU A 144 -7.75 5.44 19.69
N GLU A 145 -6.62 5.76 19.05
CA GLU A 145 -6.61 6.73 17.95
C GLU A 145 -7.47 6.24 16.76
N ALA A 146 -7.32 4.98 16.45
CA ALA A 146 -8.09 4.36 15.39
C ALA A 146 -9.59 4.57 15.72
N SER A 147 -10.01 4.17 16.93
CA SER A 147 -11.41 4.21 17.35
C SER A 147 -11.97 5.62 17.40
N SER A 148 -11.34 6.49 18.18
CA SER A 148 -11.68 7.93 18.22
C SER A 148 -11.93 8.51 16.83
N LEU A 149 -10.95 8.34 15.97
CA LEU A 149 -11.02 8.81 14.61
C LEU A 149 -12.24 8.25 13.88
N SER A 150 -12.52 6.95 14.07
CA SER A 150 -13.48 6.29 13.21
C SER A 150 -14.93 6.54 13.61
N ASN A 151 -15.18 7.63 14.35
CA ASN A 151 -16.48 8.33 14.27
C ASN A 151 -16.33 9.81 14.61
N ASN A 152 -16.15 10.61 13.56
CA ASN A 152 -16.14 12.08 13.67
C ASN A 152 -17.43 12.70 13.11
N THR A 153 -18.48 11.88 12.95
CA THR A 153 -19.79 12.30 12.39
C THR A 153 -19.76 12.82 10.92
N LYS A 154 -18.63 12.59 10.24
CA LYS A 154 -18.54 12.66 8.78
C LYS A 154 -18.12 11.28 8.29
N MET A 155 -17.11 10.70 8.96
CA MET A 155 -16.79 9.26 8.81
C MET A 155 -17.94 8.33 9.23
N GLN A 156 -18.63 8.67 10.32
CA GLN A 156 -19.79 7.90 10.75
C GLN A 156 -20.95 8.09 9.76
N ARG A 157 -21.16 9.33 9.32
CA ARG A 157 -22.21 9.63 8.32
C ARG A 157 -21.91 9.05 6.93
N ARG A 158 -20.64 9.03 6.53
CA ARG A 158 -20.24 8.42 5.24
C ARG A 158 -20.45 6.88 5.23
N ARG A 159 -20.06 6.23 6.31
CA ARG A 159 -20.24 4.77 6.48
C ARG A 159 -21.73 4.36 6.45
N ARG A 160 -22.61 5.25 6.95
CA ARG A 160 -24.08 5.05 6.90
C ARG A 160 -24.65 5.10 5.48
N ARG A 161 -24.08 5.97 4.63
CA ARG A 161 -24.52 6.11 3.23
C ARG A 161 -24.54 4.79 2.44
N ARG A 162 -23.46 4.01 2.54
CA ARG A 162 -23.30 2.77 1.75
C ARG A 162 -24.14 1.56 2.22
N ARG A 163 -24.83 1.68 3.36
CA ARG A 163 -25.81 0.67 3.80
C ARG A 163 -27.19 0.89 3.17
N ALA B 5 -11.11 -1.47 28.59
CA ALA B 5 -10.29 -1.64 29.87
C ALA B 5 -9.71 -3.07 30.11
N ARG B 6 -10.41 -4.10 29.64
CA ARG B 6 -9.82 -5.43 29.55
C ARG B 6 -8.68 -5.34 28.51
N MET B 7 -8.94 -4.62 27.42
CA MET B 7 -7.94 -4.28 26.39
C MET B 7 -6.63 -3.85 27.02
N ASN B 8 -6.71 -2.78 27.81
CA ASN B 8 -5.53 -2.13 28.38
C ASN B 8 -4.82 -2.99 29.44
N LYS B 9 -5.60 -3.73 30.20
CA LYS B 9 -5.11 -4.65 31.21
C LYS B 9 -4.47 -5.87 30.54
N THR B 10 -5.05 -6.34 29.43
CA THR B 10 -4.48 -7.47 28.67
C THR B 10 -3.14 -7.08 28.02
N ILE B 11 -3.09 -5.90 27.40
CA ILE B 11 -1.81 -5.35 26.88
C ILE B 11 -0.67 -5.26 27.94
N GLN B 12 -0.97 -4.81 29.16
CA GLN B 12 0.12 -4.63 30.15
C GLN B 12 0.67 -6.00 30.48
N ASN B 13 -0.22 -7.00 30.49
CA ASN B 13 0.21 -8.36 30.74
C ASN B 13 1.14 -8.84 29.66
N LEU B 14 0.76 -8.59 28.41
CA LEU B 14 1.54 -9.07 27.29
C LEU B 14 2.92 -8.43 27.29
N LEU B 15 2.97 -7.16 27.68
CA LEU B 15 4.24 -6.46 27.80
C LEU B 15 5.19 -7.12 28.75
N GLN B 16 4.69 -7.81 29.78
CA GLN B 16 5.56 -8.56 30.67
C GLN B 16 6.28 -9.64 29.87
N HIS B 17 5.57 -10.30 28.95
CA HIS B 17 6.21 -11.34 28.11
C HIS B 17 7.06 -10.75 27.00
N TYR B 18 6.58 -9.71 26.35
CA TYR B 18 7.30 -9.16 25.20
C TYR B 18 8.19 -8.06 25.74
N ASN B 19 9.11 -8.45 26.62
CA ASN B 19 9.96 -7.53 27.35
C ASN B 19 11.26 -7.34 26.60
N ILE B 20 11.56 -6.10 26.18
CA ILE B 20 12.92 -5.75 25.68
C ILE B 20 13.60 -4.59 26.46
N SER B 21 14.94 -4.62 26.44
CA SER B 21 15.79 -3.55 26.98
C SER B 21 15.61 -2.22 26.24
N ASN B 22 15.99 -1.12 26.93
CA ASN B 22 15.93 0.24 26.36
C ASN B 22 16.93 0.36 25.21
N LYS B 23 18.04 -0.37 25.34
CA LYS B 23 19.07 -0.36 24.31
C LYS B 23 18.44 -0.83 23.01
N ASP B 24 17.67 -1.92 23.06
CA ASP B 24 16.92 -2.39 21.86
C ASP B 24 15.76 -1.46 21.47
N ARG B 25 15.01 -0.92 22.45
CA ARG B 25 13.91 0.07 22.18
C ARG B 25 14.29 1.26 21.31
N PHE B 26 15.40 1.92 21.66
CA PHE B 26 15.79 3.20 21.07
C PHE B 26 16.81 3.12 19.92
N ASN B 27 17.78 2.23 20.07
CA ASN B 27 18.65 1.86 18.96
C ASN B 27 17.80 1.16 17.89
N GLY B 28 18.07 1.49 16.63
CA GLY B 28 17.38 0.90 15.47
C GLY B 28 16.23 1.75 14.98
N LYS B 29 15.56 1.24 13.97
CA LYS B 29 14.35 1.87 13.43
C LYS B 29 13.19 1.98 14.46
N PRO B 30 12.49 3.11 14.47
CA PRO B 30 11.14 3.09 15.06
C PRO B 30 10.26 2.21 14.18
N VAL B 31 9.34 1.47 14.79
CA VAL B 31 8.52 0.50 14.07
C VAL B 31 7.65 1.16 13.06
N PHE B 32 6.92 2.18 13.46
CA PHE B 32 5.93 2.85 12.60
C PHE B 32 6.47 4.16 12.06
N PRO B 33 5.88 4.63 10.95
CA PRO B 33 6.00 6.04 10.58
C PRO B 33 5.05 6.88 11.42
N LYS B 34 5.13 8.21 11.28
CA LYS B 34 4.27 9.15 12.02
C LYS B 34 2.92 9.25 11.38
N GLU B 35 1.87 9.37 12.21
CA GLU B 35 0.47 9.48 11.77
C GLU B 35 0.41 10.75 10.92
N PRO B 36 -0.11 10.68 9.68
CA PRO B 36 -0.15 11.86 8.82
C PRO B 36 -1.45 12.65 8.95
N ARG B 40 -5.65 15.74 6.04
CA ARG B 40 -7.02 15.30 5.68
C ARG B 40 -7.49 14.08 6.51
N MET B 41 -8.79 13.96 6.76
CA MET B 41 -9.35 12.87 7.58
C MET B 41 -9.26 11.52 6.87
N GLU B 42 -9.63 11.47 5.60
CA GLU B 42 -9.50 10.25 4.79
C GLU B 42 -8.05 9.74 4.79
N THR B 43 -7.09 10.67 4.81
CA THR B 43 -5.68 10.28 4.87
C THR B 43 -5.39 9.54 6.20
N LYS B 44 -5.89 10.06 7.33
CA LYS B 44 -5.65 9.46 8.65
C LYS B 44 -6.33 8.10 8.82
N MET B 45 -7.56 7.99 8.34
CA MET B 45 -8.30 6.72 8.38
C MET B 45 -7.59 5.57 7.67
N LEU B 46 -7.15 5.87 6.48
CA LEU B 46 -6.45 4.91 5.66
C LEU B 46 -5.14 4.45 6.30
N PHE B 47 -4.39 5.42 6.81
CA PHE B 47 -3.15 5.10 7.49
C PHE B 47 -3.50 4.17 8.64
N MET B 48 -4.48 4.52 9.44
CA MET B 48 -4.81 3.69 10.62
C MET B 48 -5.40 2.33 10.24
N GLY B 49 -6.07 2.27 9.09
CA GLY B 49 -6.43 0.96 8.50
C GLY B 49 -5.18 0.14 8.20
N GLY B 50 -4.15 0.80 7.67
CA GLY B 50 -2.83 0.19 7.52
C GLY B 50 -2.36 -0.30 8.87
N VAL B 51 -2.56 0.51 9.90
CA VAL B 51 -1.97 0.14 11.17
C VAL B 51 -2.66 -1.11 11.79
N LEU B 52 -3.99 -1.16 11.76
CA LEU B 52 -4.73 -2.28 12.34
C LEU B 52 -4.42 -3.59 11.61
N GLU B 53 -4.27 -3.48 10.29
CA GLU B 53 -3.90 -4.60 9.45
C GLU B 53 -2.56 -5.13 9.87
N THR B 54 -1.60 -4.23 10.05
CA THR B 54 -0.27 -4.62 10.56
C THR B 54 -0.38 -5.38 11.87
N TYR B 55 -1.21 -4.89 12.78
CA TYR B 55 -1.35 -5.53 14.08
C TYR B 55 -1.95 -6.91 13.90
N GLU B 56 -2.98 -7.09 13.07
CA GLU B 56 -3.49 -8.45 12.81
C GLU B 56 -2.36 -9.39 12.44
N LYS B 57 -1.60 -8.98 11.44
CA LYS B 57 -0.46 -9.72 10.90
C LYS B 57 0.56 -10.06 11.99
N LEU B 58 0.80 -9.06 12.82
CA LEU B 58 1.86 -9.06 13.81
C LEU B 58 1.54 -10.04 14.93
N ILE B 59 0.33 -9.92 15.46
CA ILE B 59 -0.23 -10.77 16.54
C ILE B 59 -0.41 -12.23 16.06
N GLY B 60 -0.73 -12.42 14.79
CA GLY B 60 -0.82 -13.77 14.22
C GLY B 60 0.52 -14.49 14.20
N GLN B 61 1.61 -13.74 14.08
CA GLN B 61 2.94 -14.35 14.13
C GLN B 61 3.34 -14.63 15.55
N MET B 62 2.81 -13.82 16.43
CA MET B 62 3.09 -13.96 17.85
C MET B 62 2.44 -15.26 18.32
N LEU B 63 1.15 -15.45 18.03
CA LEU B 63 0.48 -16.72 18.33
C LEU B 63 1.31 -17.89 17.79
N GLU B 64 1.62 -17.87 16.50
CA GLU B 64 2.40 -18.95 15.88
C GLU B 64 3.71 -19.23 16.55
N GLN B 65 4.37 -18.19 17.09
CA GLN B 65 5.68 -18.39 17.73
C GLN B 65 5.62 -18.87 19.16
N LEU B 66 4.40 -18.97 19.73
CA LEU B 66 4.21 -19.57 21.08
C LEU B 66 4.58 -21.06 21.10
N PRO B 67 5.16 -21.56 22.23
CA PRO B 67 5.62 -22.97 22.30
C PRO B 67 4.47 -24.00 22.22
N ASN B 68 4.87 -25.27 21.98
CA ASN B 68 4.00 -26.44 21.61
C ASN B 68 3.56 -26.48 20.13
N THR B 69 3.80 -25.41 19.37
CA THR B 69 3.22 -25.25 18.03
C THR B 69 4.22 -24.55 17.10
N SER B 88 -3.21 -18.48 28.44
CA SER B 88 -3.15 -17.15 29.08
C SER B 88 -2.40 -16.11 28.23
N VAL B 89 -1.13 -16.36 27.90
CA VAL B 89 -0.48 -15.55 26.87
C VAL B 89 -1.33 -15.63 25.58
N ARG B 90 -1.65 -16.86 25.19
CA ARG B 90 -2.50 -17.13 24.04
C ARG B 90 -3.88 -16.54 24.22
N THR B 91 -4.40 -16.66 25.43
CA THR B 91 -5.72 -16.10 25.77
C THR B 91 -5.69 -14.60 25.55
N ASP B 92 -4.63 -13.98 26.08
CA ASP B 92 -4.36 -12.54 25.90
C ASP B 92 -4.25 -12.10 24.41
N LEU B 93 -3.45 -12.84 23.63
CA LEU B 93 -3.23 -12.54 22.22
C LEU B 93 -4.53 -12.63 21.43
N ASN B 94 -5.30 -13.71 21.64
CA ASN B 94 -6.58 -13.85 20.93
C ASN B 94 -7.57 -12.76 21.25
N TYR B 95 -7.46 -12.14 22.43
CA TYR B 95 -8.36 -11.08 22.81
C TYR B 95 -8.04 -9.83 22.03
N ILE B 96 -6.76 -9.47 21.99
CA ILE B 96 -6.35 -8.25 21.25
C ILE B 96 -6.52 -8.50 19.75
N LEU B 97 -6.29 -9.73 19.29
CA LEU B 97 -6.55 -10.02 17.89
C LEU B 97 -8.00 -9.82 17.55
N LYS B 98 -8.90 -10.32 18.40
CA LYS B 98 -10.35 -10.20 18.15
C LYS B 98 -10.72 -8.75 18.08
N LYS B 99 -10.21 -7.99 19.03
CA LYS B 99 -10.59 -6.59 19.18
C LYS B 99 -10.16 -5.72 17.98
N VAL B 100 -8.91 -5.92 17.55
CA VAL B 100 -8.33 -5.27 16.33
C VAL B 100 -9.12 -5.65 15.08
N GLN B 101 -9.34 -6.95 14.87
CA GLN B 101 -10.23 -7.46 13.81
C GLN B 101 -11.63 -6.82 13.82
N GLU B 102 -12.23 -6.70 15.00
CA GLU B 102 -13.60 -6.20 15.07
C GLU B 102 -13.65 -4.80 14.55
N LEU B 103 -12.73 -3.97 15.06
CA LEU B 103 -12.64 -2.56 14.66
C LEU B 103 -12.39 -2.40 13.15
N ARG B 104 -11.50 -3.23 12.61
CA ARG B 104 -11.17 -3.10 11.18
C ARG B 104 -12.38 -3.45 10.33
N THR B 105 -13.05 -4.55 10.69
CA THR B 105 -14.23 -5.09 9.97
C THR B 105 -15.43 -4.16 10.04
N ASN B 106 -15.70 -3.56 11.20
CA ASN B 106 -16.89 -2.72 11.38
C ASN B 106 -16.71 -1.31 10.84
N ARG B 107 -15.50 -0.76 10.99
CA ARG B 107 -15.25 0.68 10.73
C ARG B 107 -14.19 1.04 9.69
N PHE B 108 -13.58 0.06 9.02
CA PHE B 108 -12.47 0.33 8.08
C PHE B 108 -12.63 -0.46 6.78
N LYS B 109 -13.88 -0.73 6.38
CA LYS B 109 -14.15 -1.58 5.22
C LYS B 109 -13.68 -0.93 3.91
N GLU B 110 -13.97 0.36 3.74
CA GLU B 110 -13.57 1.07 2.52
C GLU B 110 -12.04 1.15 2.41
N GLN B 111 -11.40 1.40 3.55
CA GLN B 111 -9.96 1.61 3.60
C GLN B 111 -9.26 0.31 3.26
N SER B 112 -9.80 -0.80 3.76
CA SER B 112 -9.28 -2.14 3.50
C SER B 112 -9.37 -2.58 2.01
N LYS B 113 -10.47 -2.27 1.33
CA LYS B 113 -10.57 -2.54 -0.11
C LYS B 113 -9.48 -1.77 -0.93
N LEU B 114 -9.16 -0.55 -0.50
CA LEU B 114 -8.11 0.26 -1.16
C LEU B 114 -6.68 -0.24 -0.85
N LEU B 115 -6.45 -0.59 0.40
CA LEU B 115 -5.16 -1.10 0.84
C LEU B 115 -4.79 -2.37 0.10
N GLN B 116 -5.80 -3.20 -0.16
CA GLN B 116 -5.62 -4.46 -0.93
C GLN B 116 -5.20 -4.14 -2.36
N GLY B 117 -5.94 -3.24 -3.02
CA GLY B 117 -5.50 -2.66 -4.30
C GLY B 117 -4.03 -2.23 -4.26
N LEU B 118 -3.67 -1.49 -3.21
CA LEU B 118 -2.33 -0.99 -3.14
C LEU B 118 -1.36 -2.13 -2.94
N HIS B 119 -1.73 -3.17 -2.20
CA HIS B 119 -0.83 -4.33 -2.05
C HIS B 119 -0.72 -5.09 -3.37
N ASP B 120 -1.83 -5.20 -4.08
CA ASP B 120 -1.85 -5.94 -5.35
C ASP B 120 -0.84 -5.38 -6.40
N LEU B 121 -0.72 -4.05 -6.47
CA LEU B 121 0.30 -3.37 -7.29
C LEU B 121 1.72 -3.78 -6.91
N GLY B 122 1.98 -3.96 -5.62
CA GLY B 122 3.29 -4.47 -5.16
C GLY B 122 3.64 -5.92 -5.51
N ASP B 123 2.66 -6.68 -6.03
CA ASP B 123 2.83 -8.09 -6.38
C ASP B 123 3.06 -8.30 -7.85
N ILE B 124 2.88 -7.27 -8.67
CA ILE B 124 3.07 -7.41 -10.12
C ILE B 124 4.50 -7.90 -10.41
N LYS B 125 4.63 -8.85 -11.32
CA LYS B 125 5.95 -9.46 -11.63
C LYS B 125 6.82 -8.59 -12.59
N MET B 126 7.56 -7.67 -11.98
CA MET B 126 8.49 -6.74 -12.67
C MET B 126 9.38 -7.34 -13.79
N ASN B 127 9.84 -8.58 -13.62
CA ASN B 127 10.81 -9.23 -14.53
C ASN B 127 10.18 -9.98 -15.71
N ASN B 128 8.88 -10.20 -15.64
CA ASN B 128 8.16 -10.99 -16.63
C ASN B 128 7.96 -10.18 -17.88
N PHE B 129 8.40 -10.71 -19.02
CA PHE B 129 8.29 -10.04 -20.34
C PHE B 129 6.82 -9.74 -20.76
N ILE B 130 5.89 -10.68 -20.52
CA ILE B 130 4.47 -10.48 -20.92
C ILE B 130 3.82 -9.30 -20.16
N ILE B 131 4.03 -9.32 -18.85
CA ILE B 131 3.62 -8.25 -17.95
C ILE B 131 4.22 -6.88 -18.32
N GLN B 132 5.52 -6.89 -18.63
CA GLN B 132 6.18 -5.67 -19.12
C GLN B 132 5.47 -5.10 -20.32
N SER B 133 5.11 -5.99 -21.24
CA SER B 133 4.51 -5.58 -22.47
C SER B 133 3.06 -5.26 -22.30
N LYS B 134 2.40 -5.95 -21.36
CA LYS B 134 0.99 -5.62 -21.04
C LYS B 134 0.88 -4.24 -20.37
N ALA B 135 1.68 -4.03 -19.32
CA ALA B 135 1.85 -2.72 -18.69
C ALA B 135 2.12 -1.61 -19.70
N LEU B 136 3.09 -1.86 -20.58
CA LEU B 136 3.44 -0.92 -21.66
C LEU B 136 2.22 -0.50 -22.46
N TRP B 137 1.44 -1.48 -22.92
CA TRP B 137 0.19 -1.16 -23.64
C TRP B 137 -0.83 -0.38 -22.76
N GLU B 138 -0.86 -0.64 -21.46
CA GLU B 138 -1.81 0.01 -20.57
C GLU B 138 -1.34 1.42 -20.19
N LEU B 139 -0.04 1.70 -20.36
CA LEU B 139 0.50 3.02 -19.99
C LEU B 139 -0.26 4.20 -20.59
N GLN B 140 -0.74 4.09 -21.81
CA GLN B 140 -1.31 5.29 -22.48
C GLN B 140 -2.56 5.74 -21.78
N TRP B 141 -3.47 4.78 -21.55
CA TRP B 141 -4.67 5.07 -20.84
C TRP B 141 -4.35 5.55 -19.41
N MET B 142 -3.44 4.84 -18.74
CA MET B 142 -3.12 5.15 -17.35
C MET B 142 -2.55 6.56 -17.23
N TYR B 143 -1.72 6.98 -18.16
CA TYR B 143 -1.14 8.35 -18.12
C TYR B 143 -2.16 9.43 -18.52
N GLU B 144 -3.08 9.11 -19.44
CA GLU B 144 -4.23 10.01 -19.72
C GLU B 144 -4.97 10.26 -18.41
N GLU B 145 -5.39 9.18 -17.74
CA GLU B 145 -6.21 9.24 -16.54
C GLU B 145 -5.52 10.00 -15.42
N ALA B 146 -4.26 9.64 -15.12
CA ALA B 146 -3.48 10.34 -14.12
C ALA B 146 -3.40 11.82 -14.39
N SER B 147 -2.98 12.19 -15.60
CA SER B 147 -2.95 13.60 -16.03
C SER B 147 -4.26 14.34 -15.83
N SER B 148 -5.39 13.76 -16.21
CA SER B 148 -6.66 14.49 -16.13
C SER B 148 -7.14 14.67 -14.66
N LEU B 149 -6.83 13.71 -13.81
CA LEU B 149 -7.19 13.79 -12.39
C LEU B 149 -6.64 15.05 -11.75
N SER B 150 -5.47 15.50 -12.19
CA SER B 150 -4.87 16.73 -11.69
C SER B 150 -5.59 18.00 -12.21
N ASN B 151 -5.38 18.40 -13.47
CA ASN B 151 -6.07 19.60 -14.00
C ASN B 151 -7.58 19.35 -14.20
N ASN B 152 -8.30 19.45 -13.08
CA ASN B 152 -9.64 18.88 -12.90
C ASN B 152 -10.71 19.97 -12.87
#